data_2PSD
#
_entry.id   2PSD
#
_cell.length_a   119.468
_cell.length_b   119.468
_cell.length_c   47.995
_cell.angle_alpha   90.00
_cell.angle_beta   90.00
_cell.angle_gamma   120.00
#
_symmetry.space_group_name_H-M   'P 61'
#
loop_
_entity.id
_entity.type
_entity.pdbx_description
1 polymer 'Renilla-luciferin 2-monooxygenase'
2 non-polymer IMIDAZOLE
3 water water
#
_entity_poly.entity_id   1
_entity_poly.type   'polypeptide(L)'
_entity_poly.pdbx_seq_one_letter_code
;ASKVYDPEQRKRMITGPQWWARCKQMNVLDSFINYYDSEKHAENAVIFLHGNATSSYLWRHVVPHIEPVARCIIPDLIGM
GKSGKSGNGSYRLLDHYKYLTAWFELLNLPKKIIFVGHDWGAALAFHYAYEHQDRIKAIVHMESVVDVIESWDEWPDIEE
DIALIKSEEGEKMVLENNFFVETVLPSKIMRKLEPEEFAAYLEPFKEKGEVRRPTLSWPREIPLVKGGKPDVVQIVRNYN
AYLRASDDLPKLFIESDPGFFSNAIVEGAKKFPNTEFVKVKGLHFLQEDAPDEMGKYIKSFVERVLKNEQVDHHHHHH
;
_entity_poly.pdbx_strand_id   A
#
loop_
_chem_comp.id
_chem_comp.type
_chem_comp.name
_chem_comp.formula
IMD non-polymer IMIDAZOLE 'C3 H5 N2 1'
#
# COMPACT_ATOMS: atom_id res chain seq x y z
N LYS A 3 -10.20 20.16 -10.35
CA LYS A 3 -10.77 18.96 -9.67
C LYS A 3 -11.89 19.37 -8.76
N VAL A 4 -12.88 18.49 -8.62
CA VAL A 4 -14.13 18.85 -7.97
C VAL A 4 -14.52 17.81 -6.94
N TYR A 5 -15.24 18.26 -5.93
CA TYR A 5 -15.80 17.36 -4.94
C TYR A 5 -16.81 16.44 -5.63
N ASP A 6 -16.79 15.16 -5.22
CA ASP A 6 -17.89 14.27 -5.58
C ASP A 6 -19.10 14.68 -4.77
N PRO A 7 -20.17 15.15 -5.41
CA PRO A 7 -21.31 15.66 -4.63
C PRO A 7 -21.92 14.67 -3.62
N GLU A 8 -21.84 13.37 -3.86
CA GLU A 8 -22.42 12.43 -2.88
C GLU A 8 -21.47 11.98 -1.79
N GLN A 9 -20.27 12.54 -1.76
CA GLN A 9 -19.26 12.04 -0.81
C GLN A 9 -19.47 12.48 0.63
N ARG A 10 -19.84 13.74 0.86
CA ARG A 10 -19.92 14.22 2.26
C ARG A 10 -20.91 13.40 3.09
N LYS A 11 -22.00 12.95 2.47
CA LYS A 11 -23.01 12.12 3.13
C LYS A 11 -22.39 10.85 3.73
N ARG A 12 -21.44 10.25 3.01
CA ARG A 12 -20.84 9.00 3.48
C ARG A 12 -19.41 9.15 3.99
N MET A 13 -18.91 10.38 4.00
CA MET A 13 -17.52 10.63 4.44
C MET A 13 -17.24 10.00 5.81
N ILE A 14 -16.03 9.47 5.95
CA ILE A 14 -15.49 8.96 7.20
C ILE A 14 -14.28 9.82 7.50
N THR A 15 -14.37 10.61 8.55
CA THR A 15 -13.28 11.51 8.90
C THR A 15 -12.14 10.72 9.53
N GLY A 16 -10.99 11.34 9.69
CA GLY A 16 -9.90 10.69 10.40
C GLY A 16 -10.34 10.20 11.77
N PRO A 17 -10.81 11.12 12.63
CA PRO A 17 -11.26 10.67 13.95
C PRO A 17 -12.30 9.55 13.94
N GLN A 18 -13.20 9.53 12.97
CA GLN A 18 -14.18 8.45 12.88
C GLN A 18 -13.50 7.14 12.56
N TRP A 19 -12.51 7.17 11.67
CA TRP A 19 -11.76 5.98 11.33
C TRP A 19 -10.90 5.52 12.50
N TRP A 20 -10.19 6.45 13.14
CA TRP A 20 -9.27 6.07 14.19
C TRP A 20 -10.02 5.48 15.37
N ALA A 21 -11.26 5.91 15.56
CA ALA A 21 -12.11 5.36 16.64
C ALA A 21 -12.49 3.89 16.41
N ARG A 22 -12.47 3.45 15.15
CA ARG A 22 -12.81 2.09 14.79
C ARG A 22 -11.58 1.19 14.81
N CYS A 23 -10.41 1.79 14.98
CA CYS A 23 -9.15 1.05 15.04
C CYS A 23 -8.79 0.69 16.46
N LYS A 24 -7.83 -0.22 16.57
CA LYS A 24 -7.25 -0.62 17.86
C LYS A 24 -5.74 -0.64 17.71
N GLN A 25 -5.02 -0.86 18.80
CA GLN A 25 -3.58 -1.01 18.67
C GLN A 25 -3.12 -2.33 19.26
N MET A 26 -1.94 -2.77 18.81
N MET A 26 -1.97 -2.78 18.80
CA MET A 26 -1.25 -3.94 19.38
CA MET A 26 -1.24 -3.82 19.50
C MET A 26 0.20 -3.54 19.58
C MET A 26 0.18 -3.39 19.65
N ASN A 27 0.77 -3.72 20.78
CA ASN A 27 2.20 -3.48 20.92
C ASN A 27 2.95 -4.55 20.08
N VAL A 28 4.03 -4.11 19.45
CA VAL A 28 4.79 -4.94 18.56
C VAL A 28 6.26 -4.57 18.78
N LEU A 29 7.04 -5.55 19.21
CA LEU A 29 8.44 -5.31 19.56
C LEU A 29 8.52 -4.11 20.51
N ASP A 30 9.33 -3.12 20.14
CA ASP A 30 9.53 -1.94 20.97
C ASP A 30 8.62 -0.77 20.58
N SER A 31 7.52 -1.06 19.89
CA SER A 31 6.63 -0.02 19.43
C SER A 31 5.20 -0.56 19.39
N PHE A 32 4.39 -0.07 18.46
CA PHE A 32 3.01 -0.57 18.35
C PHE A 32 2.46 -0.26 16.98
N ILE A 33 1.44 -1.02 16.60
CA ILE A 33 0.74 -0.86 15.35
C ILE A 33 -0.72 -0.55 15.61
N ASN A 34 -1.20 0.51 14.94
CA ASN A 34 -2.61 0.83 14.89
C ASN A 34 -3.21 0.14 13.68
N TYR A 35 -4.39 -0.43 13.83
CA TYR A 35 -5.01 -1.19 12.74
C TYR A 35 -6.51 -1.29 12.90
N TYR A 36 -7.15 -1.57 11.75
CA TYR A 36 -8.54 -1.94 11.70
C TYR A 36 -8.65 -3.44 11.51
N ASP A 37 -9.58 -4.05 12.24
CA ASP A 37 -9.83 -5.47 12.16
C ASP A 37 -11.34 -5.69 12.15
N SER A 38 -11.86 -6.25 11.05
CA SER A 38 -13.30 -6.53 10.96
C SER A 38 -13.77 -7.75 11.75
N GLU A 39 -12.81 -8.55 12.23
CA GLU A 39 -13.03 -9.61 13.22
C GLU A 39 -13.71 -10.87 12.69
N LYS A 40 -14.87 -10.71 12.05
CA LYS A 40 -15.73 -11.84 11.69
C LYS A 40 -15.17 -12.66 10.53
N HIS A 41 -15.55 -13.93 10.49
CA HIS A 41 -15.17 -14.83 9.39
C HIS A 41 -13.66 -15.04 9.34
N ALA A 42 -13.12 -15.38 10.50
CA ALA A 42 -11.70 -15.41 10.74
C ALA A 42 -11.00 -16.69 10.23
N GLU A 43 -11.77 -17.62 9.67
CA GLU A 43 -11.18 -18.75 8.94
C GLU A 43 -10.30 -18.29 7.77
N ASN A 44 -10.56 -17.07 7.28
CA ASN A 44 -9.71 -16.44 6.29
C ASN A 44 -9.29 -15.06 6.77
N ALA A 45 -8.23 -14.51 6.19
CA ALA A 45 -7.79 -13.18 6.57
C ALA A 45 -7.32 -12.49 5.32
N VAL A 46 -7.83 -11.28 5.10
CA VAL A 46 -7.43 -10.44 3.97
C VAL A 46 -6.71 -9.24 4.59
N ILE A 47 -5.42 -9.14 4.35
CA ILE A 47 -4.60 -8.08 4.94
C ILE A 47 -4.32 -7.04 3.88
N PHE A 48 -4.77 -5.81 4.13
CA PHE A 48 -4.64 -4.72 3.17
C PHE A 48 -3.48 -3.85 3.58
N LEU A 49 -2.54 -3.62 2.66
CA LEU A 49 -1.34 -2.85 2.95
C LEU A 49 -1.22 -1.62 2.05
N HIS A 50 -1.32 -0.45 2.69
CA HIS A 50 -1.07 0.83 2.02
C HIS A 50 0.41 1.00 1.72
N GLY A 51 0.70 2.08 1.01
CA GLY A 51 2.07 2.39 0.60
C GLY A 51 2.47 3.78 1.06
N ASN A 52 3.30 4.46 0.29
CA ASN A 52 3.78 5.76 0.72
C ASN A 52 2.65 6.80 0.76
N ALA A 53 2.80 7.73 1.70
CA ALA A 53 1.94 8.91 1.90
C ALA A 53 0.67 8.63 2.66
N THR A 54 0.24 7.38 2.71
CA THR A 54 -1.10 7.08 3.17
C THR A 54 -1.06 6.30 4.47
N SER A 55 -2.17 5.65 4.79
CA SER A 55 -2.32 4.86 6.01
C SER A 55 -3.48 3.91 5.82
N SER A 56 -3.90 3.22 6.86
CA SER A 56 -5.04 2.32 6.74
C SER A 56 -6.28 3.03 6.25
N TYR A 57 -6.37 4.33 6.55
CA TYR A 57 -7.46 5.21 6.15
C TYR A 57 -7.78 5.09 4.65
N LEU A 58 -6.75 4.84 3.85
CA LEU A 58 -6.91 4.71 2.41
C LEU A 58 -7.94 3.67 2.01
N TRP A 59 -8.09 2.64 2.82
CA TRP A 59 -8.94 1.51 2.46
C TRP A 59 -10.36 1.59 3.03
N ARG A 60 -10.71 2.70 3.69
CA ARG A 60 -11.94 2.79 4.45
C ARG A 60 -13.23 2.52 3.69
N HIS A 61 -13.27 2.87 2.39
CA HIS A 61 -14.48 2.64 1.61
C HIS A 61 -14.38 1.38 0.75
N VAL A 62 -13.20 0.79 0.69
CA VAL A 62 -13.01 -0.49 0.01
C VAL A 62 -13.40 -1.66 0.90
N VAL A 63 -12.94 -1.64 2.15
CA VAL A 63 -13.08 -2.79 3.04
C VAL A 63 -14.51 -3.27 3.33
N PRO A 64 -15.50 -2.35 3.40
CA PRO A 64 -16.84 -2.86 3.72
C PRO A 64 -17.36 -3.91 2.75
N HIS A 65 -16.86 -3.90 1.51
CA HIS A 65 -17.32 -4.87 0.51
C HIS A 65 -16.83 -6.27 0.78
N ILE A 66 -15.69 -6.39 1.45
CA ILE A 66 -15.04 -7.69 1.64
C ILE A 66 -15.33 -8.29 3.03
N GLU A 67 -15.65 -7.44 4.01
CA GLU A 67 -15.90 -7.88 5.38
C GLU A 67 -16.90 -9.04 5.51
N PRO A 68 -17.98 -9.04 4.72
CA PRO A 68 -18.91 -10.15 4.89
C PRO A 68 -18.40 -11.54 4.52
N VAL A 69 -17.28 -11.63 3.80
CA VAL A 69 -16.78 -12.93 3.36
C VAL A 69 -15.50 -13.38 4.06
N ALA A 70 -14.78 -12.47 4.68
CA ALA A 70 -13.51 -12.83 5.33
C ALA A 70 -13.11 -11.74 6.28
N ARG A 71 -12.35 -12.10 7.31
CA ARG A 71 -11.80 -11.12 8.24
C ARG A 71 -10.84 -10.23 7.50
N CYS A 72 -11.02 -8.92 7.65
CA CYS A 72 -10.18 -7.93 7.01
C CYS A 72 -9.35 -7.18 8.06
N ILE A 73 -8.04 -7.10 7.82
CA ILE A 73 -7.12 -6.50 8.79
C ILE A 73 -6.26 -5.47 8.03
N ILE A 74 -6.19 -4.24 8.56
CA ILE A 74 -5.61 -3.13 7.83
C ILE A 74 -4.73 -2.31 8.77
N PRO A 75 -3.40 -2.50 8.71
CA PRO A 75 -2.51 -1.72 9.56
C PRO A 75 -2.14 -0.36 8.98
N ASP A 76 -1.76 0.54 9.89
CA ASP A 76 -0.89 1.67 9.58
C ASP A 76 0.55 1.15 9.69
N LEU A 77 1.31 1.27 8.62
CA LEU A 77 2.69 0.82 8.67
C LEU A 77 3.43 1.62 9.74
N ILE A 78 4.53 1.09 10.25
CA ILE A 78 5.27 1.74 11.30
C ILE A 78 5.66 3.14 10.84
N GLY A 79 5.59 4.09 11.79
CA GLY A 79 5.84 5.51 11.53
C GLY A 79 4.81 6.24 10.69
N MET A 80 3.73 5.54 10.33
CA MET A 80 2.69 6.11 9.47
C MET A 80 1.35 6.01 10.18
N GLY A 81 0.37 6.77 9.71
CA GLY A 81 -0.94 6.79 10.35
C GLY A 81 -0.81 7.05 11.85
N LYS A 82 -1.51 6.26 12.65
CA LYS A 82 -1.47 6.39 14.10
C LYS A 82 -0.66 5.26 14.74
N SER A 83 0.16 4.59 13.95
CA SER A 83 1.09 3.61 14.53
C SER A 83 2.21 4.30 15.29
N GLY A 84 2.93 3.48 16.05
CA GLY A 84 4.10 3.92 16.75
C GLY A 84 5.23 4.17 15.78
N LYS A 85 6.33 4.65 16.32
CA LYS A 85 7.51 4.95 15.51
C LYS A 85 8.48 3.80 15.63
N SER A 86 9.39 3.69 14.68
CA SER A 86 10.39 2.61 14.75
C SER A 86 11.41 2.98 15.81
N GLY A 87 11.88 1.96 16.52
CA GLY A 87 12.73 2.21 17.69
C GLY A 87 14.01 2.92 17.38
N ASN A 88 14.54 2.69 16.19
CA ASN A 88 15.79 3.33 15.82
C ASN A 88 15.63 4.44 14.76
N GLY A 89 14.38 4.78 14.47
CA GLY A 89 14.07 5.85 13.56
C GLY A 89 14.35 5.55 12.09
N SER A 90 14.52 4.26 11.75
CA SER A 90 14.79 3.82 10.38
C SER A 90 13.52 3.27 9.77
N TYR A 91 13.30 3.57 8.49
CA TYR A 91 12.04 3.28 7.79
C TYR A 91 12.29 2.72 6.39
N ARG A 92 13.30 1.88 6.28
CA ARG A 92 13.54 1.18 5.03
C ARG A 92 12.57 0.00 4.91
N LEU A 93 12.49 -0.61 3.74
CA LEU A 93 11.59 -1.73 3.52
C LEU A 93 11.75 -2.79 4.61
N LEU A 94 12.98 -3.13 4.94
CA LEU A 94 13.17 -4.18 5.95
C LEU A 94 12.82 -3.73 7.36
N ASP A 95 12.89 -2.45 7.68
CA ASP A 95 12.38 -1.97 8.95
C ASP A 95 10.88 -2.15 9.01
N HIS A 96 10.20 -1.75 7.95
CA HIS A 96 8.76 -1.96 7.89
C HIS A 96 8.39 -3.43 8.02
N TYR A 97 9.15 -4.27 7.33
CA TYR A 97 8.92 -5.72 7.33
C TYR A 97 9.12 -6.33 8.70
N LYS A 98 10.13 -5.85 9.43
CA LYS A 98 10.37 -6.35 10.76
C LYS A 98 9.15 -6.15 11.66
N TYR A 99 8.60 -4.94 11.66
CA TYR A 99 7.43 -4.67 12.47
C TYR A 99 6.20 -5.39 11.94
N LEU A 100 6.04 -5.42 10.61
CA LEU A 100 4.85 -6.03 10.05
C LEU A 100 4.78 -7.51 10.37
N THR A 101 5.89 -8.22 10.19
CA THR A 101 5.90 -9.65 10.46
C THR A 101 5.74 -9.94 11.94
N ALA A 102 6.32 -9.11 12.81
CA ALA A 102 6.11 -9.29 14.24
C ALA A 102 4.65 -9.09 14.62
N TRP A 103 4.00 -8.13 13.97
CA TRP A 103 2.57 -7.87 14.20
C TRP A 103 1.72 -9.08 13.75
N PHE A 104 2.02 -9.62 12.56
CA PHE A 104 1.29 -10.82 12.09
C PHE A 104 1.26 -11.94 13.12
N GLU A 105 2.35 -12.13 13.85
CA GLU A 105 2.44 -13.21 14.84
C GLU A 105 1.41 -13.11 15.96
N LEU A 106 0.86 -11.92 16.14
CA LEU A 106 -0.05 -11.66 17.26
C LEU A 106 -1.51 -11.65 16.85
N LEU A 107 -1.79 -11.84 15.56
CA LEU A 107 -3.15 -11.64 15.04
C LEU A 107 -3.99 -12.90 15.01
N ASN A 108 -3.41 -14.06 15.32
CA ASN A 108 -4.09 -15.35 15.15
C ASN A 108 -4.57 -15.56 13.68
N LEU A 109 -3.63 -15.51 12.75
CA LEU A 109 -3.93 -15.65 11.33
C LEU A 109 -4.14 -17.10 10.93
N PRO A 110 -4.87 -17.34 9.82
CA PRO A 110 -4.96 -18.70 9.33
C PRO A 110 -3.66 -19.11 8.66
N LYS A 111 -3.55 -20.37 8.25
CA LYS A 111 -2.34 -20.83 7.58
C LYS A 111 -2.13 -20.11 6.25
N LYS A 112 -3.18 -19.92 5.47
CA LYS A 112 -3.04 -19.28 4.16
C LYS A 112 -3.79 -17.96 4.13
N ILE A 113 -3.05 -16.90 3.86
CA ILE A 113 -3.48 -15.52 4.04
C ILE A 113 -3.68 -14.88 2.67
N ILE A 114 -4.70 -14.01 2.56
CA ILE A 114 -4.88 -13.21 1.34
C ILE A 114 -4.32 -11.80 1.58
N PHE A 115 -3.47 -11.34 0.67
CA PHE A 115 -2.91 -10.01 0.74
C PHE A 115 -3.48 -9.09 -0.33
N VAL A 116 -3.69 -7.83 0.04
CA VAL A 116 -4.09 -6.80 -0.92
C VAL A 116 -3.12 -5.65 -0.76
N GLY A 117 -2.26 -5.42 -1.76
CA GLY A 117 -1.22 -4.40 -1.61
C GLY A 117 -1.24 -3.31 -2.65
N HIS A 118 -0.90 -2.11 -2.21
CA HIS A 118 -0.79 -0.94 -3.06
C HIS A 118 0.60 -0.36 -2.90
N ASP A 119 1.26 -0.04 -4.00
CA ASP A 119 2.52 0.69 -3.91
C ASP A 119 3.52 -0.13 -3.08
N TRP A 120 4.23 0.49 -2.12
CA TRP A 120 5.20 -0.23 -1.31
C TRP A 120 4.54 -1.26 -0.41
N GLY A 121 3.25 -1.14 -0.17
CA GLY A 121 2.57 -2.16 0.61
C GLY A 121 2.51 -3.47 -0.20
N ALA A 122 2.45 -3.38 -1.52
CA ALA A 122 2.58 -4.58 -2.33
C ALA A 122 3.98 -5.18 -2.26
N ALA A 123 5.02 -4.35 -2.25
CA ALA A 123 6.36 -4.86 -2.03
C ALA A 123 6.46 -5.66 -0.75
N LEU A 124 5.89 -5.13 0.33
CA LEU A 124 5.89 -5.87 1.59
C LEU A 124 5.16 -7.22 1.49
N ALA A 125 4.01 -7.26 0.82
CA ALA A 125 3.27 -8.51 0.64
C ALA A 125 4.09 -9.50 -0.19
N PHE A 126 4.71 -9.01 -1.26
CA PHE A 126 5.48 -9.86 -2.15
C PHE A 126 6.69 -10.47 -1.46
N HIS A 127 7.39 -9.64 -0.68
CA HIS A 127 8.53 -10.11 0.08
C HIS A 127 8.09 -11.10 1.16
N TYR A 128 7.03 -10.78 1.90
CA TYR A 128 6.47 -11.74 2.84
C TYR A 128 6.20 -13.07 2.14
N ALA A 129 5.56 -13.03 0.97
CA ALA A 129 5.26 -14.25 0.23
C ALA A 129 6.51 -15.03 -0.13
N TYR A 130 7.50 -14.35 -0.64
CA TYR A 130 8.74 -15.02 -0.98
C TYR A 130 9.33 -15.78 0.20
N GLU A 131 9.28 -15.17 1.39
CA GLU A 131 9.86 -15.76 2.59
C GLU A 131 8.89 -16.72 3.34
N HIS A 132 7.64 -16.77 2.92
CA HIS A 132 6.63 -17.63 3.57
C HIS A 132 5.74 -18.24 2.48
N GLN A 133 6.31 -19.07 1.62
CA GLN A 133 5.63 -19.42 0.38
C GLN A 133 4.45 -20.36 0.62
N ASP A 134 4.42 -20.97 1.80
CA ASP A 134 3.34 -21.85 2.23
C ASP A 134 2.20 -21.14 2.99
N ARG A 135 2.28 -19.81 3.12
CA ARG A 135 1.32 -19.06 3.93
C ARG A 135 0.42 -18.16 3.08
N ILE A 136 0.40 -18.39 1.76
CA ILE A 136 -0.24 -17.45 0.85
C ILE A 136 -1.39 -18.08 0.08
N LYS A 137 -2.59 -17.55 0.31
CA LYS A 137 -3.77 -18.01 -0.41
C LYS A 137 -3.96 -17.31 -1.74
N ALA A 138 -3.70 -16.01 -1.76
CA ALA A 138 -3.93 -15.20 -2.96
C ALA A 138 -3.31 -13.84 -2.74
N ILE A 139 -2.95 -13.16 -3.82
CA ILE A 139 -2.44 -11.78 -3.74
C ILE A 139 -3.14 -10.87 -4.74
N VAL A 140 -3.68 -9.76 -4.22
CA VAL A 140 -4.24 -8.67 -5.03
C VAL A 140 -3.21 -7.55 -4.97
N HIS A 141 -2.91 -6.98 -6.14
CA HIS A 141 -1.98 -5.87 -6.20
C HIS A 141 -2.39 -4.80 -7.20
N MET A 142 -1.87 -3.60 -6.98
CA MET A 142 -2.25 -2.42 -7.73
C MET A 142 -1.19 -1.32 -7.56
N GLU A 143 -0.84 -0.65 -8.65
CA GLU A 143 0.19 0.41 -8.64
C GLU A 143 1.33 -0.01 -7.74
N SER A 144 1.84 -1.21 -8.03
CA SER A 144 2.72 -1.95 -7.14
C SER A 144 4.17 -2.02 -7.63
N VAL A 145 5.04 -2.41 -6.71
CA VAL A 145 6.47 -2.61 -6.99
C VAL A 145 6.64 -4.03 -7.52
N VAL A 146 6.40 -4.19 -8.82
CA VAL A 146 6.38 -5.52 -9.40
C VAL A 146 7.75 -6.09 -9.67
N ASP A 147 8.68 -5.24 -10.10
CA ASP A 147 10.01 -5.71 -10.55
C ASP A 147 11.03 -4.60 -10.41
N VAL A 148 12.28 -4.93 -10.68
CA VAL A 148 13.30 -3.92 -10.72
C VAL A 148 13.02 -3.00 -11.89
N ILE A 149 13.64 -1.83 -11.88
CA ILE A 149 13.48 -0.87 -12.97
C ILE A 149 14.77 -0.76 -13.79
N GLU A 150 14.68 -1.16 -15.06
CA GLU A 150 15.80 -1.11 -16.00
C GLU A 150 15.74 0.14 -16.89
N SER A 151 14.55 0.72 -17.05
CA SER A 151 14.31 1.83 -17.98
C SER A 151 13.13 2.69 -17.54
N TRP A 152 13.20 3.99 -17.79
CA TRP A 152 12.11 4.91 -17.46
C TRP A 152 11.11 5.06 -18.61
N ASP A 153 11.29 4.29 -19.68
CA ASP A 153 10.56 4.55 -20.93
C ASP A 153 9.04 4.64 -20.80
N GLU A 154 8.45 3.70 -20.07
CA GLU A 154 6.98 3.61 -19.93
C GLU A 154 6.46 4.30 -18.66
N TRP A 155 7.37 4.93 -17.93
CA TRP A 155 7.04 5.52 -16.65
C TRP A 155 6.53 6.95 -16.78
N PRO A 156 5.82 7.46 -15.74
CA PRO A 156 5.56 8.88 -15.63
C PRO A 156 6.90 9.62 -15.54
N ASP A 157 6.91 10.91 -15.83
CA ASP A 157 8.16 11.66 -15.90
C ASP A 157 8.68 12.06 -14.51
N ILE A 158 9.19 11.07 -13.76
CA ILE A 158 9.65 11.29 -12.39
C ILE A 158 11.14 11.02 -12.20
N GLU A 159 11.86 10.73 -13.28
CA GLU A 159 13.29 10.43 -13.16
C GLU A 159 14.02 11.48 -12.34
N GLU A 160 13.81 12.76 -12.63
CA GLU A 160 14.52 13.82 -11.91
C GLU A 160 13.98 14.03 -10.51
N ASP A 161 12.68 13.81 -10.34
CA ASP A 161 12.09 13.88 -9.01
C ASP A 161 12.81 12.87 -8.14
N ILE A 162 13.03 11.68 -8.68
CA ILE A 162 13.66 10.60 -7.91
C ILE A 162 15.14 10.89 -7.67
N ALA A 163 15.83 11.38 -8.69
CA ALA A 163 17.22 11.80 -8.51
C ALA A 163 17.33 12.85 -7.41
N LEU A 164 16.42 13.82 -7.41
CA LEU A 164 16.37 14.84 -6.35
C LEU A 164 16.07 14.23 -5.00
N ILE A 165 15.06 13.38 -4.95
CA ILE A 165 14.68 12.71 -3.70
C ILE A 165 15.85 11.93 -3.11
N LYS A 166 16.64 11.28 -3.95
CA LYS A 166 17.74 10.46 -3.46
C LYS A 166 18.90 11.32 -2.96
N SER A 167 18.96 12.56 -3.44
CA SER A 167 19.99 13.51 -3.01
C SER A 167 19.61 14.22 -1.72
N GLU A 168 20.48 15.10 -1.26
CA GLU A 168 20.21 15.91 -0.08
C GLU A 168 18.96 16.78 -0.26
N GLU A 169 18.57 17.05 -1.50
CA GLU A 169 17.33 17.76 -1.82
C GLU A 169 16.08 17.03 -1.31
N GLY A 170 16.17 15.70 -1.20
CA GLY A 170 15.06 14.93 -0.67
C GLY A 170 14.58 15.37 0.71
N GLU A 171 15.50 15.75 1.58
CA GLU A 171 15.13 16.21 2.93
C GLU A 171 14.34 17.52 2.88
N LYS A 172 14.76 18.43 2.00
CA LYS A 172 14.04 19.67 1.79
C LYS A 172 12.65 19.40 1.22
N MET A 173 12.58 18.58 0.17
CA MET A 173 11.32 18.28 -0.48
C MET A 173 10.34 17.73 0.56
N VAL A 174 10.81 16.80 1.38
CA VAL A 174 9.92 16.01 2.23
C VAL A 174 9.84 16.48 3.70
N LEU A 175 10.97 16.56 4.38
CA LEU A 175 10.93 16.92 5.80
C LEU A 175 10.47 18.37 5.99
N GLU A 176 10.91 19.25 5.09
CA GLU A 176 10.50 20.65 5.11
C GLU A 176 9.19 20.88 4.35
N ASN A 177 9.12 20.40 3.11
CA ASN A 177 8.00 20.78 2.23
C ASN A 177 6.85 19.78 2.17
N ASN A 178 7.00 18.63 2.81
CA ASN A 178 5.95 17.60 2.84
C ASN A 178 5.45 17.20 1.44
N PHE A 179 6.40 17.04 0.52
CA PHE A 179 6.13 16.79 -0.90
C PHE A 179 5.08 15.70 -1.15
N PHE A 180 5.17 14.58 -0.45
CA PHE A 180 4.25 13.49 -0.78
C PHE A 180 2.80 13.72 -0.36
N VAL A 181 2.60 14.46 0.72
CA VAL A 181 1.25 14.74 1.21
C VAL A 181 0.66 15.97 0.54
N GLU A 182 1.45 17.04 0.46
CA GLU A 182 0.93 18.33 -0.05
C GLU A 182 0.96 18.44 -1.58
N THR A 183 1.84 17.68 -2.23
CA THR A 183 1.94 17.75 -3.69
C THR A 183 1.49 16.45 -4.38
N VAL A 184 2.13 15.33 -4.07
CA VAL A 184 1.85 14.08 -4.80
C VAL A 184 0.44 13.56 -4.56
N LEU A 185 0.04 13.51 -3.30
CA LEU A 185 -1.26 12.93 -2.95
C LEU A 185 -2.46 13.56 -3.69
N PRO A 186 -2.69 14.88 -3.57
CA PRO A 186 -3.81 15.43 -4.34
C PRO A 186 -3.63 15.35 -5.87
N SER A 187 -2.39 15.44 -6.34
N SER A 187 -2.39 15.43 -6.34
CA SER A 187 -2.14 15.36 -7.78
CA SER A 187 -2.13 15.37 -7.78
C SER A 187 -2.56 14.02 -8.37
C SER A 187 -2.52 14.01 -8.37
N LYS A 188 -2.44 12.96 -7.58
CA LYS A 188 -2.71 11.61 -8.06
C LYS A 188 -4.02 11.00 -7.53
N ILE A 189 -4.97 11.89 -7.23
CA ILE A 189 -6.37 11.57 -7.00
C ILE A 189 -7.14 12.42 -7.99
N MET A 190 -8.10 11.83 -8.70
CA MET A 190 -8.84 12.55 -9.72
C MET A 190 -9.87 13.51 -9.15
N ARG A 191 -10.58 13.07 -8.12
CA ARG A 191 -11.53 13.94 -7.42
C ARG A 191 -10.78 14.87 -6.48
N LYS A 192 -11.48 15.86 -5.95
CA LYS A 192 -10.94 16.69 -4.88
C LYS A 192 -11.37 16.06 -3.56
N LEU A 193 -10.42 15.78 -2.68
CA LEU A 193 -10.76 15.24 -1.36
C LEU A 193 -11.54 16.26 -0.54
N GLU A 194 -12.48 15.78 0.27
CA GLU A 194 -13.13 16.66 1.23
C GLU A 194 -12.04 17.16 2.16
N PRO A 195 -12.20 18.36 2.70
CA PRO A 195 -11.20 18.90 3.63
C PRO A 195 -10.82 17.93 4.77
N GLU A 196 -11.82 17.25 5.32
CA GLU A 196 -11.58 16.35 6.45
C GLU A 196 -10.82 15.11 6.01
N GLU A 197 -11.03 14.69 4.76
CA GLU A 197 -10.30 13.55 4.23
C GLU A 197 -8.82 13.90 4.03
N PHE A 198 -8.54 15.07 3.44
CA PHE A 198 -7.15 15.48 3.31
C PHE A 198 -6.51 15.61 4.69
N ALA A 199 -7.28 16.11 5.64
CA ALA A 199 -6.74 16.32 6.97
C ALA A 199 -6.33 15.03 7.64
N ALA A 200 -7.01 13.93 7.33
CA ALA A 200 -6.66 12.63 7.87
C ALA A 200 -5.33 12.11 7.32
N TYR A 201 -5.03 12.45 6.07
CA TYR A 201 -3.74 12.12 5.48
C TYR A 201 -2.65 13.02 6.00
N LEU A 202 -2.96 14.29 6.21
CA LEU A 202 -1.96 15.22 6.71
C LEU A 202 -1.57 14.99 8.16
N GLU A 203 -2.53 14.54 8.96
CA GLU A 203 -2.34 14.59 10.42
C GLU A 203 -1.05 13.93 10.95
N PRO A 204 -0.73 12.69 10.49
CA PRO A 204 0.50 12.09 11.01
C PRO A 204 1.75 12.92 10.71
N PHE A 205 1.69 13.71 9.64
CA PHE A 205 2.83 14.43 9.09
C PHE A 205 2.60 15.94 9.12
N LYS A 206 1.73 16.40 10.03
CA LYS A 206 1.40 17.82 10.08
C LYS A 206 2.58 18.66 10.51
N GLU A 207 3.40 18.14 11.42
CA GLU A 207 4.57 18.87 11.91
C GLU A 207 5.76 18.69 10.96
N LYS A 208 6.57 19.73 10.88
CA LYS A 208 7.75 19.71 10.05
C LYS A 208 8.81 18.79 10.65
N GLY A 209 9.67 18.26 9.79
CA GLY A 209 10.89 17.61 10.23
C GLY A 209 10.84 16.10 10.21
N GLU A 210 11.55 15.50 11.16
CA GLU A 210 11.86 14.07 11.13
C GLU A 210 10.65 13.15 11.14
N VAL A 211 9.51 13.61 11.67
CA VAL A 211 8.31 12.77 11.70
C VAL A 211 7.88 12.37 10.28
N ARG A 212 8.30 13.15 9.30
CA ARG A 212 7.95 12.87 7.89
C ARG A 212 8.89 11.86 7.22
N ARG A 213 9.90 11.39 7.96
CA ARG A 213 10.94 10.50 7.40
C ARG A 213 10.41 9.30 6.58
N PRO A 214 9.35 8.61 7.07
CA PRO A 214 8.94 7.46 6.26
C PRO A 214 8.61 7.80 4.81
N THR A 215 8.11 9.02 4.60
CA THR A 215 7.67 9.39 3.24
C THR A 215 8.84 9.71 2.32
N LEU A 216 10.01 9.96 2.93
CA LEU A 216 11.27 10.13 2.21
C LEU A 216 11.99 8.80 2.05
N SER A 217 11.95 7.95 3.06
CA SER A 217 12.65 6.68 2.97
C SER A 217 12.08 5.75 1.92
N TRP A 218 10.76 5.78 1.75
CA TRP A 218 10.14 4.87 0.79
C TRP A 218 10.66 5.04 -0.64
N PRO A 219 10.56 6.25 -1.21
CA PRO A 219 11.07 6.37 -2.59
C PRO A 219 12.57 6.11 -2.73
N ARG A 220 13.33 6.34 -1.66
CA ARG A 220 14.76 6.03 -1.69
C ARG A 220 15.05 4.53 -1.76
N GLU A 221 14.02 3.71 -1.57
CA GLU A 221 14.16 2.27 -1.74
C GLU A 221 13.98 1.84 -3.19
N ILE A 222 13.68 2.78 -4.09
CA ILE A 222 13.29 2.40 -5.46
C ILE A 222 14.30 1.45 -6.10
N PRO A 223 13.83 0.30 -6.64
CA PRO A 223 14.76 -0.71 -7.13
C PRO A 223 15.28 -0.45 -8.55
N LEU A 224 15.95 0.69 -8.71
CA LEU A 224 16.62 1.02 -9.96
C LEU A 224 17.86 0.17 -10.08
N VAL A 225 17.98 -0.56 -11.18
CA VAL A 225 19.18 -1.36 -11.42
C VAL A 225 20.42 -0.47 -11.48
N LYS A 226 20.32 0.66 -12.19
CA LYS A 226 21.34 1.70 -12.14
C LYS A 226 20.90 2.79 -11.17
N GLY A 227 21.56 2.84 -10.01
CA GLY A 227 21.33 3.90 -9.02
C GLY A 227 20.61 3.48 -7.77
N GLY A 228 20.02 2.28 -7.79
CA GLY A 228 19.23 1.82 -6.66
C GLY A 228 20.04 1.18 -5.56
N LYS A 229 19.43 1.14 -4.38
CA LYS A 229 20.02 0.43 -3.25
C LYS A 229 20.05 -1.06 -3.58
N PRO A 230 21.24 -1.68 -3.55
CA PRO A 230 21.35 -3.04 -4.07
C PRO A 230 20.65 -4.11 -3.25
N ASP A 231 20.46 -3.86 -1.96
CA ASP A 231 19.70 -4.82 -1.15
C ASP A 231 18.24 -4.84 -1.54
N VAL A 232 17.67 -3.70 -1.91
CA VAL A 232 16.27 -3.69 -2.34
C VAL A 232 16.16 -4.27 -3.75
N VAL A 233 17.13 -3.96 -4.62
CA VAL A 233 17.16 -4.61 -5.94
C VAL A 233 17.13 -6.13 -5.77
N GLN A 234 17.94 -6.67 -4.85
CA GLN A 234 17.94 -8.12 -4.63
C GLN A 234 16.59 -8.62 -4.10
N ILE A 235 16.03 -7.92 -3.12
CA ILE A 235 14.72 -8.31 -2.58
C ILE A 235 13.69 -8.41 -3.68
N VAL A 236 13.63 -7.39 -4.53
CA VAL A 236 12.61 -7.37 -5.56
C VAL A 236 12.90 -8.41 -6.64
N ARG A 237 14.15 -8.56 -7.03
CA ARG A 237 14.50 -9.57 -8.01
C ARG A 237 14.08 -10.96 -7.52
N ASN A 238 14.35 -11.22 -6.24
CA ASN A 238 14.04 -12.51 -5.66
C ASN A 238 12.53 -12.75 -5.67
N TYR A 239 11.75 -11.78 -5.20
CA TYR A 239 10.33 -12.03 -5.15
C TYR A 239 9.73 -12.03 -6.54
N ASN A 240 10.31 -11.25 -7.45
CA ASN A 240 9.79 -11.26 -8.81
C ASN A 240 9.95 -12.64 -9.46
N ALA A 241 11.10 -13.28 -9.29
CA ALA A 241 11.31 -14.60 -9.88
C ALA A 241 10.36 -15.64 -9.27
N TYR A 242 10.17 -15.55 -7.95
CA TYR A 242 9.22 -16.43 -7.26
C TYR A 242 7.80 -16.23 -7.79
N LEU A 243 7.39 -14.98 -7.98
CA LEU A 243 6.03 -14.72 -8.46
C LEU A 243 5.84 -15.18 -9.90
N ARG A 244 6.87 -15.07 -10.74
CA ARG A 244 6.78 -15.58 -12.13
C ARG A 244 6.59 -17.09 -12.19
N ALA A 245 7.06 -17.80 -11.15
CA ALA A 245 6.98 -19.25 -11.10
C ALA A 245 5.75 -19.76 -10.34
N SER A 246 4.95 -18.84 -9.80
CA SER A 246 3.90 -19.20 -8.85
C SER A 246 2.60 -19.55 -9.56
N ASP A 247 2.67 -20.60 -10.37
CA ASP A 247 1.57 -20.99 -11.24
C ASP A 247 0.27 -21.26 -10.49
N ASP A 248 0.39 -21.75 -9.26
CA ASP A 248 -0.78 -22.19 -8.49
C ASP A 248 -1.29 -21.16 -7.47
N LEU A 249 -0.73 -19.95 -7.49
CA LEU A 249 -1.09 -18.89 -6.56
C LEU A 249 -2.02 -17.90 -7.27
N PRO A 250 -3.32 -17.93 -6.94
CA PRO A 250 -4.21 -16.96 -7.59
C PRO A 250 -3.88 -15.50 -7.28
N LYS A 251 -3.91 -14.65 -8.31
CA LYS A 251 -3.61 -13.23 -8.16
C LYS A 251 -4.66 -12.39 -8.85
N LEU A 252 -4.81 -11.16 -8.39
CA LEU A 252 -5.68 -10.17 -9.01
C LEU A 252 -4.84 -8.89 -9.17
N PHE A 253 -4.83 -8.34 -10.39
CA PHE A 253 -4.18 -7.06 -10.65
C PHE A 253 -5.24 -6.05 -11.01
N ILE A 254 -5.31 -4.98 -10.22
CA ILE A 254 -6.25 -3.89 -10.47
C ILE A 254 -5.49 -2.78 -11.16
N GLU A 255 -5.76 -2.62 -12.45
CA GLU A 255 -5.14 -1.59 -13.26
C GLU A 255 -5.87 -0.27 -13.04
N SER A 256 -5.13 0.82 -12.96
CA SER A 256 -5.69 2.16 -12.82
C SER A 256 -5.62 2.83 -14.19
N ASP A 257 -6.72 3.46 -14.60
CA ASP A 257 -6.86 4.07 -15.93
C ASP A 257 -7.22 5.56 -15.76
N PRO A 258 -6.31 6.45 -16.17
CA PRO A 258 -5.03 6.22 -16.84
C PRO A 258 -3.90 5.76 -15.93
N GLY A 259 -4.10 5.87 -14.63
CA GLY A 259 -3.09 5.40 -13.69
C GLY A 259 -1.94 6.37 -13.51
N PHE A 260 -1.02 6.01 -12.63
CA PHE A 260 0.20 6.75 -12.45
C PHE A 260 1.34 5.90 -13.01
N PHE A 261 1.63 4.75 -12.39
CA PHE A 261 2.56 3.83 -13.08
C PHE A 261 2.00 2.46 -13.46
N SER A 262 0.67 2.31 -13.47
CA SER A 262 0.05 1.08 -14.00
C SER A 262 0.55 0.73 -15.39
N ASN A 263 0.58 1.72 -16.27
CA ASN A 263 1.06 1.48 -17.63
C ASN A 263 2.47 0.89 -17.66
N ALA A 264 3.34 1.34 -16.77
CA ALA A 264 4.74 0.88 -16.74
C ALA A 264 4.89 -0.53 -16.18
N ILE A 265 3.98 -0.94 -15.29
CA ILE A 265 4.10 -2.22 -14.60
C ILE A 265 3.18 -3.32 -15.11
N VAL A 266 2.19 -3.00 -15.93
CA VAL A 266 1.24 -4.01 -16.35
C VAL A 266 1.90 -5.18 -17.10
N GLU A 267 2.87 -4.90 -17.98
CA GLU A 267 3.51 -6.00 -18.69
C GLU A 267 4.27 -6.88 -17.70
N GLY A 268 4.84 -6.27 -16.68
CA GLY A 268 5.48 -7.01 -15.60
C GLY A 268 4.49 -7.83 -14.81
N ALA A 269 3.34 -7.25 -14.49
CA ALA A 269 2.29 -7.98 -13.78
C ALA A 269 1.81 -9.19 -14.59
N LYS A 270 1.81 -9.06 -15.92
CA LYS A 270 1.41 -10.16 -16.79
C LYS A 270 2.40 -11.34 -16.79
N LYS A 271 3.61 -11.12 -16.27
CA LYS A 271 4.59 -12.19 -16.15
C LYS A 271 4.32 -13.08 -14.95
N PHE A 272 3.37 -12.69 -14.10
CA PHE A 272 3.02 -13.51 -12.96
C PHE A 272 1.83 -14.35 -13.38
N PRO A 273 1.98 -15.68 -13.45
CA PRO A 273 0.85 -16.48 -13.94
C PRO A 273 -0.32 -16.49 -12.96
N ASN A 274 -1.46 -16.94 -13.44
CA ASN A 274 -2.66 -17.04 -12.61
C ASN A 274 -3.07 -15.66 -12.10
N THR A 275 -3.02 -14.67 -12.98
CA THR A 275 -3.49 -13.33 -12.65
C THR A 275 -4.77 -12.98 -13.41
N GLU A 276 -5.77 -12.56 -12.65
CA GLU A 276 -6.99 -11.98 -13.15
C GLU A 276 -6.77 -10.48 -13.20
N PHE A 277 -7.21 -9.88 -14.30
CA PHE A 277 -7.02 -8.45 -14.56
C PHE A 277 -8.35 -7.73 -14.63
N VAL A 278 -8.44 -6.67 -13.86
CA VAL A 278 -9.57 -5.76 -13.88
C VAL A 278 -9.04 -4.33 -13.92
N LYS A 279 -9.93 -3.39 -14.21
CA LYS A 279 -9.54 -2.01 -14.42
C LYS A 279 -10.56 -1.08 -13.78
N VAL A 280 -10.05 -0.02 -13.17
CA VAL A 280 -10.89 1.07 -12.64
C VAL A 280 -10.30 2.41 -13.06
N LYS A 281 -11.13 3.46 -13.01
CA LYS A 281 -10.68 4.78 -13.42
C LYS A 281 -9.96 5.41 -12.23
N GLY A 282 -8.74 5.89 -12.41
CA GLY A 282 -7.97 6.47 -11.33
C GLY A 282 -6.59 6.86 -11.77
N LEU A 283 -5.82 7.40 -10.81
CA LEU A 283 -4.41 7.74 -11.04
C LEU A 283 -3.59 6.82 -10.14
N HIS A 284 -2.84 7.34 -9.17
CA HIS A 284 -2.11 6.46 -8.27
C HIS A 284 -2.94 5.96 -7.10
N PHE A 285 -3.58 6.90 -6.39
CA PHE A 285 -4.34 6.57 -5.19
C PHE A 285 -5.77 6.20 -5.55
N LEU A 286 -5.87 5.12 -6.33
CA LEU A 286 -7.11 4.73 -6.97
C LEU A 286 -8.27 4.44 -6.02
N GLN A 287 -7.95 4.07 -4.77
CA GLN A 287 -8.98 3.84 -3.76
C GLN A 287 -9.84 5.07 -3.53
N GLU A 288 -9.30 6.24 -3.82
CA GLU A 288 -10.06 7.47 -3.58
C GLU A 288 -10.98 7.81 -4.73
N ASP A 289 -10.77 7.18 -5.89
CA ASP A 289 -11.60 7.43 -7.07
C ASP A 289 -12.60 6.32 -7.42
N ALA A 290 -12.26 5.08 -7.07
CA ALA A 290 -13.10 3.94 -7.42
C ALA A 290 -13.20 2.91 -6.31
N PRO A 291 -13.47 3.36 -5.07
CA PRO A 291 -13.43 2.39 -4.00
C PRO A 291 -14.45 1.26 -4.09
N ASP A 292 -15.64 1.57 -4.56
CA ASP A 292 -16.70 0.58 -4.59
C ASP A 292 -16.49 -0.43 -5.71
N GLU A 293 -16.08 0.05 -6.88
CA GLU A 293 -15.72 -0.85 -7.97
C GLU A 293 -14.59 -1.75 -7.54
N MET A 294 -13.58 -1.19 -6.87
N MET A 294 -13.57 -1.17 -6.89
CA MET A 294 -12.47 -2.00 -6.37
CA MET A 294 -12.46 -1.97 -6.35
C MET A 294 -12.90 -3.00 -5.31
C MET A 294 -12.97 -3.01 -5.37
N GLY A 295 -13.77 -2.58 -4.40
CA GLY A 295 -14.29 -3.47 -3.37
C GLY A 295 -15.06 -4.63 -3.96
N LYS A 296 -15.87 -4.38 -4.97
CA LYS A 296 -16.63 -5.45 -5.60
C LYS A 296 -15.76 -6.42 -6.38
N TYR A 297 -14.75 -5.91 -7.08
CA TYR A 297 -13.80 -6.78 -7.77
C TYR A 297 -13.00 -7.64 -6.81
N ILE A 298 -12.56 -7.06 -5.71
CA ILE A 298 -11.82 -7.83 -4.71
C ILE A 298 -12.75 -8.86 -4.04
N LYS A 299 -13.96 -8.44 -3.70
CA LYS A 299 -14.91 -9.39 -3.11
C LYS A 299 -15.10 -10.60 -4.01
N SER A 300 -15.38 -10.37 -5.29
CA SER A 300 -15.65 -11.43 -6.24
C SER A 300 -14.47 -12.40 -6.35
N PHE A 301 -13.27 -11.83 -6.44
CA PHE A 301 -12.05 -12.62 -6.49
C PHE A 301 -11.86 -13.45 -5.22
N VAL A 302 -12.04 -12.84 -4.06
CA VAL A 302 -11.90 -13.55 -2.79
C VAL A 302 -12.91 -14.69 -2.73
N GLU A 303 -14.15 -14.41 -3.11
CA GLU A 303 -15.18 -15.45 -3.07
C GLU A 303 -14.83 -16.65 -3.93
N ARG A 304 -14.30 -16.41 -5.13
CA ARG A 304 -13.89 -17.51 -6.00
C ARG A 304 -12.75 -18.33 -5.37
N VAL A 305 -11.77 -17.64 -4.79
CA VAL A 305 -10.59 -18.30 -4.22
C VAL A 305 -10.94 -19.11 -2.95
N LEU A 306 -12.01 -18.74 -2.27
CA LEU A 306 -12.43 -19.45 -1.07
C LEU A 306 -13.24 -20.71 -1.40
N LYS A 307 -13.87 -20.72 -2.57
CA LYS A 307 -14.56 -21.92 -3.05
C LYS A 307 -13.54 -22.85 -3.70
N1 IMD B . 7.35 12.16 -7.89
C2 IMD B . 8.26 11.23 -7.48
N3 IMD B . 7.58 10.16 -7.01
C4 IMD B . 6.26 10.40 -7.12
C5 IMD B . 6.11 11.66 -7.68
N1 IMD C . 8.38 1.81 -7.51
C2 IMD C . 8.85 0.79 -8.26
N3 IMD C . 7.81 0.19 -8.89
C4 IMD C . 6.68 0.83 -8.53
C5 IMD C . 7.03 1.86 -7.67
#